data_1V4Q
#
_entry.id   1V4Q
#
_entity_poly.entity_id   1
_entity_poly.type   'polypeptide(L)'
_entity_poly.pdbx_seq_one_letter_code
;CKGKGAPCRKTMYDCCKGRCGRRGRC(NH2)
;
_entity_poly.pdbx_strand_id   A
#
# COMPACT_ATOMS: atom_id res chain seq x y z
N CYS A 1 -7.44 -5.24 4.43
CA CYS A 1 -6.64 -4.40 3.49
C CYS A 1 -5.89 -3.30 4.23
N LYS A 2 -4.94 -2.68 3.55
CA LYS A 2 -4.14 -1.61 4.13
C LYS A 2 -4.89 -0.29 4.08
N GLY A 3 -4.16 0.81 4.29
CA GLY A 3 -4.77 2.12 4.26
C GLY A 3 -3.95 3.13 3.47
N LYS A 4 -4.63 4.10 2.88
CA LYS A 4 -3.95 5.13 2.10
C LYS A 4 -3.05 5.99 2.98
N GLY A 5 -1.79 6.10 2.60
CA GLY A 5 -0.84 6.88 3.37
C GLY A 5 -0.09 6.04 4.37
N ALA A 6 -0.55 4.82 4.57
CA ALA A 6 0.09 3.90 5.51
C ALA A 6 1.05 2.96 4.79
N PRO A 7 2.22 2.68 5.40
CA PRO A 7 3.22 1.79 4.80
C PRO A 7 2.66 0.40 4.49
N CYS A 8 2.34 0.18 3.23
CA CYS A 8 1.79 -1.11 2.79
C CYS A 8 2.90 -2.13 2.58
N ARG A 9 2.51 -3.33 2.18
CA ARG A 9 3.48 -4.39 1.94
C ARG A 9 3.91 -4.41 0.48
N LYS A 10 5.23 -4.44 0.26
CA LYS A 10 5.78 -4.46 -1.09
C LYS A 10 5.49 -5.79 -1.79
N THR A 11 4.54 -6.56 -1.25
CA THR A 11 4.17 -7.85 -1.81
C THR A 11 3.25 -7.68 -3.01
N MET A 12 2.17 -6.92 -2.82
CA MET A 12 1.21 -6.68 -3.88
C MET A 12 0.36 -5.44 -3.58
N TYR A 13 -0.82 -5.38 -4.17
CA TYR A 13 -1.74 -4.26 -3.96
C TYR A 13 -2.75 -4.59 -2.87
N ASP A 14 -2.28 -4.61 -1.63
CA ASP A 14 -3.15 -4.93 -0.50
C ASP A 14 -3.87 -3.68 0.00
N CYS A 15 -3.42 -2.52 -0.44
CA CYS A 15 -4.03 -1.25 -0.04
C CYS A 15 -5.52 -1.24 -0.40
N CYS A 16 -6.34 -0.78 0.55
CA CYS A 16 -7.78 -0.71 0.33
C CYS A 16 -8.14 0.53 -0.48
N LYS A 17 -7.13 1.32 -0.82
CA LYS A 17 -7.33 2.54 -1.59
C LYS A 17 -6.36 2.62 -2.77
N GLY A 18 -6.05 1.46 -3.35
CA GLY A 18 -5.13 1.43 -4.48
C GLY A 18 -4.08 0.35 -4.33
N ARG A 19 -2.89 0.62 -4.86
CA ARG A 19 -1.78 -0.34 -4.80
C ARG A 19 -0.63 0.23 -3.99
N CYS A 20 0.33 -0.65 -3.64
CA CYS A 20 1.49 -0.23 -2.86
C CYS A 20 2.41 0.65 -3.70
N GLY A 21 2.99 1.68 -3.06
CA GLY A 21 3.88 2.59 -3.76
C GLY A 21 5.34 2.19 -3.62
N ARG A 22 6.17 2.74 -4.49
CA ARG A 22 7.61 2.44 -4.46
C ARG A 22 8.26 3.04 -3.23
N ARG A 23 7.57 3.98 -2.59
CA ARG A 23 8.10 4.63 -1.39
C ARG A 23 7.79 3.80 -0.15
N GLY A 24 7.19 2.63 -0.35
CA GLY A 24 6.85 1.77 0.76
C GLY A 24 5.45 2.01 1.28
N ARG A 25 4.88 3.17 0.94
CA ARG A 25 3.54 3.52 1.39
C ARG A 25 2.55 3.44 0.22
N CYS A 26 1.30 3.14 0.55
CA CYS A 26 0.25 3.02 -0.46
C CYS A 26 0.05 4.34 -1.19
N CYS A 1 -7.25 -5.36 3.98
CA CYS A 1 -6.52 -4.34 3.17
C CYS A 1 -5.81 -3.34 4.08
N LYS A 2 -4.96 -2.52 3.47
CA LYS A 2 -4.20 -1.52 4.22
C LYS A 2 -4.95 -0.18 4.20
N GLY A 3 -4.23 0.90 4.47
CA GLY A 3 -4.83 2.22 4.49
C GLY A 3 -3.93 3.28 3.87
N LYS A 4 -4.53 4.35 3.37
CA LYS A 4 -3.77 5.43 2.76
C LYS A 4 -2.87 6.10 3.78
N GLY A 5 -1.65 6.42 3.37
CA GLY A 5 -0.70 7.05 4.27
C GLY A 5 -0.01 6.05 5.18
N ALA A 6 -0.45 4.80 5.11
CA ALA A 6 0.13 3.74 5.93
C ALA A 6 1.09 2.88 5.10
N PRO A 7 2.34 2.71 5.58
CA PRO A 7 3.34 1.90 4.87
C PRO A 7 2.87 0.48 4.60
N CYS A 8 2.41 0.23 3.38
CA CYS A 8 1.94 -1.09 2.98
C CYS A 8 3.11 -2.01 2.66
N ARG A 9 2.81 -3.28 2.47
CA ARG A 9 3.84 -4.26 2.16
C ARG A 9 4.10 -4.31 0.66
N LYS A 10 5.38 -4.31 0.29
CA LYS A 10 5.77 -4.36 -1.11
C LYS A 10 5.53 -5.75 -1.71
N THR A 11 4.63 -6.50 -1.08
CA THR A 11 4.30 -7.85 -1.53
C THR A 11 3.33 -7.81 -2.71
N MET A 12 2.19 -7.16 -2.50
CA MET A 12 1.16 -7.07 -3.53
C MET A 12 0.39 -5.75 -3.40
N TYR A 13 -0.84 -5.75 -3.92
CA TYR A 13 -1.69 -4.56 -3.84
C TYR A 13 -2.69 -4.69 -2.70
N ASP A 14 -2.16 -4.67 -1.48
CA ASP A 14 -3.01 -4.79 -0.29
C ASP A 14 -3.66 -3.46 0.04
N CYS A 15 -3.06 -2.37 -0.43
CA CYS A 15 -3.58 -1.03 -0.19
C CYS A 15 -5.02 -0.94 -0.68
N CYS A 16 -5.92 -0.58 0.23
CA CYS A 16 -7.34 -0.46 -0.09
C CYS A 16 -7.60 0.57 -1.19
N LYS A 17 -6.80 1.63 -1.19
CA LYS A 17 -6.96 2.69 -2.18
C LYS A 17 -5.86 2.63 -3.24
N GLY A 18 -5.90 1.58 -4.06
CA GLY A 18 -4.90 1.42 -5.11
C GLY A 18 -3.91 0.32 -4.79
N ARG A 19 -2.64 0.58 -5.09
CA ARG A 19 -1.58 -0.39 -4.84
C ARG A 19 -0.42 0.27 -4.10
N CYS A 20 0.41 -0.55 -3.45
CA CYS A 20 1.56 -0.06 -2.70
C CYS A 20 2.46 0.78 -3.59
N GLY A 21 2.76 2.00 -3.14
CA GLY A 21 3.62 2.88 -3.92
C GLY A 21 5.04 2.36 -4.05
N ARG A 22 5.86 3.07 -4.81
CA ARG A 22 7.25 2.67 -5.02
C ARG A 22 8.04 2.75 -3.71
N ARG A 23 7.54 3.55 -2.77
CA ARG A 23 8.19 3.71 -1.48
C ARG A 23 7.52 2.83 -0.42
N GLY A 24 6.46 2.13 -0.83
CA GLY A 24 5.75 1.27 0.09
C GLY A 24 4.68 2.01 0.86
N ARG A 25 3.96 2.90 0.18
CA ARG A 25 2.90 3.68 0.81
C ARG A 25 1.63 3.64 -0.02
N CYS A 26 0.53 3.22 0.61
CA CYS A 26 -0.75 3.12 -0.08
C CYS A 26 -1.22 4.50 -0.55
N CYS A 1 -7.04 -5.26 4.82
CA CYS A 1 -6.43 -4.43 3.74
C CYS A 1 -5.67 -3.25 4.33
N LYS A 2 -4.75 -2.70 3.54
CA LYS A 2 -3.96 -1.55 3.98
C LYS A 2 -4.71 -0.25 3.75
N GLY A 3 -3.99 0.87 3.82
CA GLY A 3 -4.61 2.16 3.61
C GLY A 3 -3.71 3.13 2.89
N LYS A 4 -4.28 4.23 2.41
CA LYS A 4 -3.51 5.24 1.69
C LYS A 4 -2.61 6.02 2.64
N GLY A 5 -1.37 6.24 2.23
CA GLY A 5 -0.44 6.97 3.06
C GLY A 5 0.08 6.14 4.21
N ALA A 6 -0.33 4.88 4.27
CA ALA A 6 0.09 3.98 5.32
C ALA A 6 1.14 2.98 4.82
N PRO A 7 2.14 2.66 5.65
CA PRO A 7 3.21 1.73 5.28
C PRO A 7 2.67 0.35 4.88
N CYS A 8 2.51 0.15 3.57
CA CYS A 8 2.01 -1.12 3.05
C CYS A 8 3.15 -2.05 2.70
N ARG A 9 2.82 -3.24 2.24
CA ARG A 9 3.83 -4.22 1.87
C ARG A 9 4.05 -4.23 0.36
N LYS A 10 5.31 -4.17 -0.04
CA LYS A 10 5.66 -4.16 -1.46
C LYS A 10 5.45 -5.55 -2.08
N THR A 11 4.56 -6.33 -1.46
CA THR A 11 4.25 -7.67 -1.93
C THR A 11 3.25 -7.62 -3.09
N MET A 12 2.15 -6.91 -2.89
CA MET A 12 1.11 -6.79 -3.90
C MET A 12 0.27 -5.53 -3.68
N TYR A 13 -0.95 -5.56 -4.19
CA TYR A 13 -1.87 -4.42 -4.05
C TYR A 13 -2.84 -4.68 -2.90
N ASP A 14 -2.33 -4.63 -1.68
CA ASP A 14 -3.15 -4.87 -0.50
C ASP A 14 -3.91 -3.61 -0.06
N CYS A 15 -3.52 -2.46 -0.62
CA CYS A 15 -4.16 -1.20 -0.27
C CYS A 15 -5.66 -1.27 -0.54
N CYS A 16 -6.45 -0.86 0.45
CA CYS A 16 -7.91 -0.89 0.33
C CYS A 16 -8.40 0.18 -0.63
N LYS A 17 -7.57 1.21 -0.86
CA LYS A 17 -7.93 2.30 -1.75
C LYS A 17 -6.86 2.50 -2.81
N GLY A 18 -6.40 1.40 -3.40
CA GLY A 18 -5.38 1.47 -4.44
C GLY A 18 -4.36 0.37 -4.33
N ARG A 19 -3.09 0.72 -4.39
CA ARG A 19 -2.00 -0.25 -4.30
C ARG A 19 -0.82 0.32 -3.53
N CYS A 20 0.15 -0.54 -3.23
CA CYS A 20 1.34 -0.13 -2.50
C CYS A 20 2.18 0.83 -3.34
N GLY A 21 3.06 1.58 -2.67
CA GLY A 21 3.90 2.53 -3.37
C GLY A 21 5.34 2.06 -3.50
N ARG A 22 6.15 2.84 -4.21
CA ARG A 22 7.56 2.50 -4.42
C ARG A 22 8.41 3.04 -3.28
N ARG A 23 7.75 3.63 -2.28
CA ARG A 23 8.45 4.19 -1.13
C ARG A 23 8.14 3.37 0.12
N GLY A 24 7.07 2.59 0.07
CA GLY A 24 6.70 1.77 1.21
C GLY A 24 5.29 2.08 1.71
N ARG A 25 4.64 3.06 1.09
CA ARG A 25 3.28 3.44 1.48
C ARG A 25 2.36 3.46 0.26
N CYS A 26 1.11 3.06 0.47
CA CYS A 26 0.13 3.03 -0.61
C CYS A 26 -0.13 4.44 -1.14
N CYS A 1 -7.33 -5.18 4.79
CA CYS A 1 -6.62 -4.34 3.78
C CYS A 1 -5.91 -3.17 4.44
N LYS A 2 -4.94 -2.60 3.74
CA LYS A 2 -4.18 -1.47 4.25
C LYS A 2 -4.96 -0.17 4.09
N GLY A 3 -4.26 0.95 4.22
CA GLY A 3 -4.90 2.25 4.09
C GLY A 3 -3.99 3.29 3.49
N LYS A 4 -4.57 4.33 2.90
CA LYS A 4 -3.79 5.40 2.29
C LYS A 4 -2.89 6.08 3.31
N GLY A 5 -1.63 6.32 2.92
CA GLY A 5 -0.69 6.96 3.80
C GLY A 5 -0.04 5.97 4.76
N ALA A 6 -0.63 4.79 4.86
CA ALA A 6 -0.10 3.75 5.74
C ALA A 6 0.98 2.93 5.04
N PRO A 7 2.12 2.70 5.70
CA PRO A 7 3.22 1.92 5.13
C PRO A 7 2.85 0.46 4.92
N CYS A 8 2.30 0.15 3.75
CA CYS A 8 1.91 -1.21 3.42
C CYS A 8 3.12 -2.02 2.98
N ARG A 9 2.88 -3.25 2.53
CA ARG A 9 3.95 -4.11 2.08
C ARG A 9 4.04 -4.13 0.56
N LYS A 10 5.25 -3.94 0.05
CA LYS A 10 5.48 -3.92 -1.39
C LYS A 10 5.47 -5.34 -1.95
N THR A 11 4.46 -6.11 -1.55
CA THR A 11 4.32 -7.48 -2.00
C THR A 11 3.30 -7.60 -3.12
N MET A 12 2.16 -6.94 -2.93
CA MET A 12 1.09 -6.97 -3.93
C MET A 12 0.24 -5.70 -3.85
N TYR A 13 -1.07 -5.86 -3.95
CA TYR A 13 -1.99 -4.73 -3.89
C TYR A 13 -2.94 -4.88 -2.71
N ASP A 14 -2.38 -4.90 -1.50
CA ASP A 14 -3.17 -5.03 -0.29
C ASP A 14 -3.82 -3.71 0.10
N CYS A 15 -3.40 -2.63 -0.58
CA CYS A 15 -3.93 -1.30 -0.31
C CYS A 15 -5.41 -1.24 -0.67
N CYS A 16 -6.23 -0.81 0.29
CA CYS A 16 -7.67 -0.71 0.08
C CYS A 16 -7.99 0.41 -0.90
N LYS A 17 -6.96 1.17 -1.28
CA LYS A 17 -7.12 2.27 -2.23
C LYS A 17 -6.08 2.20 -3.34
N GLY A 18 -6.21 1.18 -4.19
CA GLY A 18 -5.28 1.01 -5.28
C GLY A 18 -4.20 -0.01 -4.96
N ARG A 19 -2.97 0.48 -4.76
CA ARG A 19 -1.84 -0.40 -4.45
C ARG A 19 -0.76 0.36 -3.72
N CYS A 20 0.26 -0.35 -3.27
CA CYS A 20 1.38 0.25 -2.55
C CYS A 20 2.16 1.21 -3.46
N GLY A 21 3.07 1.98 -2.86
CA GLY A 21 3.86 2.92 -3.62
C GLY A 21 5.25 2.39 -3.95
N ARG A 22 6.07 3.24 -4.54
CA ARG A 22 7.43 2.85 -4.91
C ARG A 22 8.39 3.05 -3.73
N ARG A 23 7.83 3.31 -2.56
CA ARG A 23 8.63 3.52 -1.36
C ARG A 23 8.17 2.61 -0.22
N GLY A 24 6.88 2.29 -0.21
CA GLY A 24 6.33 1.43 0.82
C GLY A 24 5.01 1.95 1.37
N ARG A 25 4.63 3.15 0.96
CA ARG A 25 3.39 3.76 1.42
C ARG A 25 2.29 3.63 0.37
N CYS A 26 1.04 3.53 0.83
CA CYS A 26 -0.10 3.40 -0.06
C CYS A 26 -0.16 4.57 -1.05
N CYS A 1 -7.36 -5.24 4.71
CA CYS A 1 -6.61 -4.40 3.74
C CYS A 1 -5.86 -3.28 4.45
N LYS A 2 -4.96 -2.62 3.72
CA LYS A 2 -4.18 -1.52 4.28
C LYS A 2 -4.96 -0.21 4.20
N GLY A 3 -4.25 0.90 4.37
CA GLY A 3 -4.89 2.20 4.31
C GLY A 3 -4.06 3.22 3.55
N LYS A 4 -4.73 4.22 3.00
CA LYS A 4 -4.04 5.27 2.24
C LYS A 4 -3.09 6.06 3.14
N GLY A 5 -1.86 6.23 2.67
CA GLY A 5 -0.87 6.95 3.45
C GLY A 5 -0.09 6.05 4.38
N ALA A 6 -0.66 4.88 4.67
CA ALA A 6 -0.02 3.92 5.56
C ALA A 6 1.02 3.10 4.81
N PRO A 7 2.18 2.82 5.44
CA PRO A 7 3.26 2.05 4.82
C PRO A 7 2.87 0.59 4.57
N CYS A 8 2.37 0.32 3.36
CA CYS A 8 1.97 -1.03 2.99
C CYS A 8 3.18 -1.86 2.61
N ARG A 9 2.93 -3.13 2.29
CA ARG A 9 4.01 -4.02 1.90
C ARG A 9 4.20 -4.03 0.40
N LYS A 10 5.46 -3.94 -0.03
CA LYS A 10 5.78 -3.94 -1.45
C LYS A 10 5.63 -5.33 -2.05
N THR A 11 4.66 -6.07 -1.56
CA THR A 11 4.39 -7.43 -2.04
C THR A 11 3.38 -7.41 -3.17
N MET A 12 2.17 -6.94 -2.87
CA MET A 12 1.10 -6.87 -3.84
C MET A 12 0.26 -5.61 -3.66
N TYR A 13 -1.00 -5.69 -4.05
CA TYR A 13 -1.91 -4.55 -3.92
C TYR A 13 -2.87 -4.76 -2.76
N ASP A 14 -2.37 -4.60 -1.54
CA ASP A 14 -3.17 -4.80 -0.34
C ASP A 14 -3.91 -3.51 0.04
N CYS A 15 -3.49 -2.40 -0.54
CA CYS A 15 -4.11 -1.11 -0.26
C CYS A 15 -5.60 -1.15 -0.59
N CYS A 16 -6.42 -0.92 0.43
CA CYS A 16 -7.87 -0.93 0.26
C CYS A 16 -8.34 0.14 -0.73
N LYS A 17 -7.49 1.13 -0.97
CA LYS A 17 -7.82 2.21 -1.90
C LYS A 17 -6.70 2.43 -2.91
N GLY A 18 -6.25 1.35 -3.53
CA GLY A 18 -5.19 1.45 -4.51
C GLY A 18 -4.14 0.37 -4.35
N ARG A 19 -2.89 0.72 -4.65
CA ARG A 19 -1.78 -0.22 -4.54
C ARG A 19 -0.61 0.40 -3.79
N CYS A 20 0.38 -0.41 -3.45
CA CYS A 20 1.56 0.06 -2.74
C CYS A 20 2.44 0.89 -3.66
N GLY A 21 3.33 1.69 -3.06
CA GLY A 21 4.21 2.54 -3.84
C GLY A 21 5.64 2.05 -3.84
N ARG A 22 6.56 2.88 -4.32
CA ARG A 22 7.97 2.53 -4.38
C ARG A 22 8.62 2.62 -3.00
N ARG A 23 8.19 3.60 -2.21
CA ARG A 23 8.73 3.79 -0.87
C ARG A 23 8.09 2.82 0.11
N GLY A 24 6.95 2.25 -0.30
CA GLY A 24 6.26 1.30 0.56
C GLY A 24 4.93 1.82 1.05
N ARG A 25 4.66 3.10 0.79
CA ARG A 25 3.41 3.72 1.22
C ARG A 25 2.28 3.43 0.22
N CYS A 26 1.05 3.43 0.72
CA CYS A 26 -0.12 3.16 -0.13
C CYS A 26 -0.32 4.28 -1.14
N CYS A 1 -7.18 -5.14 4.75
CA CYS A 1 -6.52 -4.29 3.72
C CYS A 1 -5.75 -3.15 4.37
N LYS A 2 -4.85 -2.53 3.60
CA LYS A 2 -4.05 -1.42 4.10
C LYS A 2 -4.81 -0.11 3.97
N GLY A 3 -4.16 0.98 4.40
CA GLY A 3 -4.79 2.28 4.32
C GLY A 3 -3.92 3.29 3.58
N LYS A 4 -4.56 4.26 2.94
CA LYS A 4 -3.84 5.29 2.20
C LYS A 4 -2.97 6.13 3.15
N GLY A 5 -1.73 6.37 2.75
CA GLY A 5 -0.83 7.15 3.57
C GLY A 5 -0.12 6.30 4.61
N ALA A 6 -0.38 5.00 4.59
CA ALA A 6 0.25 4.08 5.53
C ALA A 6 1.25 3.17 4.82
N PRO A 7 2.35 2.81 5.51
CA PRO A 7 3.38 1.94 4.94
C PRO A 7 2.89 0.51 4.74
N CYS A 8 2.37 0.24 3.55
CA CYS A 8 1.88 -1.09 3.20
C CYS A 8 3.02 -2.01 2.81
N ARG A 9 2.68 -3.18 2.29
CA ARG A 9 3.69 -4.15 1.87
C ARG A 9 3.90 -4.09 0.37
N LYS A 10 5.15 -3.94 -0.05
CA LYS A 10 5.50 -3.88 -1.46
C LYS A 10 5.41 -5.26 -2.10
N THR A 11 4.63 -6.14 -1.49
CA THR A 11 4.45 -7.50 -1.99
C THR A 11 3.45 -7.53 -3.13
N MET A 12 2.33 -6.86 -2.94
CA MET A 12 1.28 -6.82 -3.95
C MET A 12 0.40 -5.58 -3.78
N TYR A 13 -0.89 -5.74 -4.05
CA TYR A 13 -1.84 -4.63 -3.93
C TYR A 13 -2.80 -4.87 -2.76
N ASP A 14 -2.27 -4.76 -1.54
CA ASP A 14 -3.07 -4.97 -0.34
C ASP A 14 -3.83 -3.70 0.05
N CYS A 15 -3.44 -2.57 -0.55
CA CYS A 15 -4.08 -1.30 -0.26
C CYS A 15 -5.59 -1.39 -0.51
N CYS A 16 -6.38 -0.88 0.44
CA CYS A 16 -7.83 -0.89 0.32
C CYS A 16 -8.30 0.11 -0.72
N LYS A 17 -7.45 1.08 -1.03
CA LYS A 17 -7.78 2.11 -2.01
C LYS A 17 -6.64 2.32 -2.98
N GLY A 18 -6.46 1.37 -3.90
CA GLY A 18 -5.39 1.47 -4.89
C GLY A 18 -4.30 0.44 -4.65
N ARG A 19 -3.09 0.76 -5.08
CA ARG A 19 -1.95 -0.14 -4.91
C ARG A 19 -0.89 0.48 -4.03
N CYS A 20 0.17 -0.28 -3.75
CA CYS A 20 1.26 0.20 -2.90
C CYS A 20 2.17 1.13 -3.69
N GLY A 21 3.23 1.61 -3.03
CA GLY A 21 4.16 2.50 -3.68
C GLY A 21 5.58 1.96 -3.67
N ARG A 22 6.49 2.68 -4.33
CA ARG A 22 7.88 2.27 -4.40
C ARG A 22 8.61 2.60 -3.09
N ARG A 23 8.04 3.53 -2.33
CA ARG A 23 8.63 3.94 -1.06
C ARG A 23 8.17 3.03 0.06
N GLY A 24 7.00 2.44 -0.10
CA GLY A 24 6.45 1.55 0.90
C GLY A 24 5.06 1.94 1.35
N ARG A 25 4.64 3.15 0.97
CA ARG A 25 3.32 3.64 1.33
C ARG A 25 2.25 3.17 0.34
N CYS A 26 1.01 3.39 0.72
CA CYS A 26 -0.13 3.00 -0.12
C CYS A 26 -0.38 4.04 -1.20
N CYS A 1 -7.57 -4.93 4.73
CA CYS A 1 -6.87 -4.08 3.72
C CYS A 1 -6.06 -2.98 4.40
N LYS A 2 -5.09 -2.44 3.67
CA LYS A 2 -4.25 -1.37 4.20
C LYS A 2 -4.96 -0.03 4.12
N GLY A 3 -4.21 1.05 4.25
CA GLY A 3 -4.79 2.39 4.19
C GLY A 3 -3.85 3.40 3.58
N LYS A 4 -4.43 4.43 2.97
CA LYS A 4 -3.62 5.48 2.34
C LYS A 4 -2.81 6.24 3.38
N GLY A 5 -1.49 6.22 3.23
CA GLY A 5 -0.63 6.90 4.16
C GLY A 5 0.08 5.94 5.11
N ALA A 6 -0.27 4.66 5.01
CA ALA A 6 0.33 3.65 5.86
C ALA A 6 1.32 2.78 5.07
N PRO A 7 2.53 2.57 5.61
CA PRO A 7 3.56 1.77 4.94
C PRO A 7 3.11 0.35 4.67
N CYS A 8 2.59 0.13 3.46
CA CYS A 8 2.12 -1.20 3.07
C CYS A 8 3.28 -2.08 2.65
N ARG A 9 3.00 -3.36 2.44
CA ARG A 9 4.03 -4.31 2.04
C ARG A 9 4.17 -4.34 0.53
N LYS A 10 5.41 -4.29 0.05
CA LYS A 10 5.69 -4.32 -1.37
C LYS A 10 5.46 -5.71 -1.95
N THR A 11 4.60 -6.49 -1.29
CA THR A 11 4.27 -7.84 -1.72
C THR A 11 3.26 -7.82 -2.87
N MET A 12 2.14 -7.14 -2.65
CA MET A 12 1.09 -7.05 -3.64
C MET A 12 0.32 -5.75 -3.51
N TYR A 13 -0.94 -5.75 -3.95
CA TYR A 13 -1.79 -4.58 -3.88
C TYR A 13 -2.82 -4.74 -2.75
N ASP A 14 -2.33 -4.72 -1.51
CA ASP A 14 -3.20 -4.87 -0.36
C ASP A 14 -3.91 -3.56 -0.01
N CYS A 15 -3.56 -2.50 -0.73
CA CYS A 15 -4.16 -1.19 -0.50
C CYS A 15 -5.67 -1.25 -0.67
N CYS A 16 -6.40 -0.67 0.27
CA CYS A 16 -7.85 -0.66 0.23
C CYS A 16 -8.37 0.26 -0.87
N LYS A 17 -7.46 1.03 -1.46
CA LYS A 17 -7.83 1.96 -2.53
C LYS A 17 -6.65 2.20 -3.47
N GLY A 18 -6.38 1.21 -4.32
CA GLY A 18 -5.27 1.32 -5.26
C GLY A 18 -4.23 0.25 -5.08
N ARG A 19 -2.97 0.64 -5.05
CA ARG A 19 -1.87 -0.30 -4.88
C ARG A 19 -0.72 0.34 -4.11
N CYS A 20 0.23 -0.47 -3.68
CA CYS A 20 1.38 0.02 -2.92
C CYS A 20 2.19 1.02 -3.75
N GLY A 21 3.10 1.73 -3.08
CA GLY A 21 3.92 2.71 -3.76
C GLY A 21 5.38 2.30 -3.84
N ARG A 22 6.19 3.16 -4.44
CA ARG A 22 7.63 2.89 -4.58
C ARG A 22 8.38 3.28 -3.32
N ARG A 23 7.76 4.13 -2.50
CA ARG A 23 8.38 4.58 -1.26
C ARG A 23 8.08 3.61 -0.12
N GLY A 24 7.01 2.84 -0.27
CA GLY A 24 6.63 1.89 0.75
C GLY A 24 5.23 2.14 1.29
N ARG A 25 4.69 3.31 0.97
CA ARG A 25 3.34 3.67 1.41
C ARG A 25 2.28 3.16 0.45
N CYS A 26 1.04 3.22 0.90
CA CYS A 26 -0.09 2.77 0.10
C CYS A 26 -0.48 3.83 -0.92
N CYS A 1 -7.38 -5.13 4.94
CA CYS A 1 -6.79 -4.27 3.88
C CYS A 1 -5.99 -3.12 4.46
N LYS A 2 -5.06 -2.59 3.69
CA LYS A 2 -4.23 -1.48 4.13
C LYS A 2 -4.97 -0.15 4.00
N GLY A 3 -4.22 0.95 4.08
CA GLY A 3 -4.83 2.26 3.97
C GLY A 3 -3.96 3.23 3.18
N LYS A 4 -4.59 4.17 2.49
CA LYS A 4 -3.88 5.16 1.70
C LYS A 4 -3.09 6.10 2.60
N GLY A 5 -1.77 6.01 2.54
CA GLY A 5 -0.92 6.86 3.35
C GLY A 5 -0.16 6.06 4.39
N ALA A 6 -0.50 4.79 4.52
CA ALA A 6 0.16 3.91 5.49
C ALA A 6 1.20 3.03 4.79
N PRO A 7 2.28 2.65 5.51
CA PRO A 7 3.34 1.81 4.95
C PRO A 7 2.86 0.41 4.61
N CYS A 8 2.42 0.22 3.36
CA CYS A 8 1.94 -1.08 2.90
C CYS A 8 3.12 -1.98 2.56
N ARG A 9 2.81 -3.22 2.18
CA ARG A 9 3.84 -4.17 1.83
C ARG A 9 4.17 -4.10 0.34
N LYS A 10 5.46 -4.09 0.03
CA LYS A 10 5.92 -4.03 -1.36
C LYS A 10 5.59 -5.32 -2.11
N THR A 11 4.70 -6.13 -1.54
CA THR A 11 4.32 -7.39 -2.15
C THR A 11 3.31 -7.18 -3.27
N MET A 12 2.22 -6.49 -2.95
CA MET A 12 1.17 -6.22 -3.92
C MET A 12 0.31 -5.03 -3.49
N TYR A 13 -0.90 -4.95 -4.04
CA TYR A 13 -1.81 -3.86 -3.70
C TYR A 13 -2.82 -4.34 -2.65
N ASP A 14 -2.36 -4.49 -1.42
CA ASP A 14 -3.21 -4.93 -0.32
C ASP A 14 -4.06 -3.79 0.21
N CYS A 15 -3.80 -2.57 -0.26
CA CYS A 15 -4.55 -1.41 0.18
C CYS A 15 -6.03 -1.57 -0.14
N CYS A 16 -6.87 -1.04 0.74
CA CYS A 16 -8.31 -1.13 0.55
C CYS A 16 -8.77 -0.31 -0.65
N LYS A 17 -7.89 0.56 -1.13
CA LYS A 17 -8.20 1.39 -2.28
C LYS A 17 -6.92 1.92 -2.93
N GLY A 18 -6.42 1.19 -3.92
CA GLY A 18 -5.19 1.60 -4.61
C GLY A 18 -4.11 0.55 -4.55
N ARG A 19 -2.89 0.94 -4.85
CA ARG A 19 -1.76 0.02 -4.83
C ARG A 19 -0.61 0.58 -4.00
N CYS A 20 0.28 -0.30 -3.57
CA CYS A 20 1.43 0.10 -2.76
C CYS A 20 2.35 1.03 -3.56
N GLY A 21 3.34 1.60 -2.88
CA GLY A 21 4.27 2.50 -3.55
C GLY A 21 5.67 1.92 -3.65
N ARG A 22 6.55 2.64 -4.34
CA ARG A 22 7.93 2.19 -4.51
C ARG A 22 8.76 2.48 -3.26
N ARG A 23 8.25 3.36 -2.41
CA ARG A 23 8.94 3.72 -1.17
C ARG A 23 8.52 2.81 -0.03
N GLY A 24 7.24 2.43 -0.03
CA GLY A 24 6.73 1.57 1.02
C GLY A 24 5.34 1.98 1.48
N ARG A 25 4.92 3.18 1.10
CA ARG A 25 3.61 3.69 1.48
C ARG A 25 2.57 3.36 0.41
N CYS A 26 1.31 3.53 0.78
CA CYS A 26 0.20 3.26 -0.12
C CYS A 26 -0.18 4.50 -0.91
N CYS A 1 -7.61 -4.33 5.08
CA CYS A 1 -6.52 -3.94 4.14
C CYS A 1 -5.85 -2.65 4.60
N LYS A 2 -4.83 -2.24 3.85
CA LYS A 2 -4.09 -1.02 4.16
C LYS A 2 -4.87 0.21 3.71
N GLY A 3 -4.18 1.35 3.61
CA GLY A 3 -4.84 2.56 3.18
C GLY A 3 -3.88 3.57 2.58
N LYS A 4 -4.42 4.52 1.83
CA LYS A 4 -3.60 5.55 1.19
C LYS A 4 -2.80 6.33 2.23
N GLY A 5 -1.49 6.06 2.29
CA GLY A 5 -0.63 6.75 3.23
C GLY A 5 -0.15 5.84 4.34
N ALA A 6 -0.40 4.54 4.18
CA ALA A 6 0.01 3.55 5.19
C ALA A 6 1.19 2.73 4.68
N PRO A 7 2.09 2.31 5.59
CA PRO A 7 3.26 1.50 5.23
C PRO A 7 2.89 0.08 4.81
N CYS A 8 2.48 -0.07 3.55
CA CYS A 8 2.09 -1.36 3.02
C CYS A 8 3.32 -2.14 2.57
N ARG A 9 3.13 -3.42 2.29
CA ARG A 9 4.23 -4.26 1.84
C ARG A 9 4.42 -4.13 0.34
N LYS A 10 5.68 -4.03 -0.08
CA LYS A 10 6.01 -3.91 -1.50
C LYS A 10 5.84 -5.24 -2.22
N THR A 11 4.83 -6.00 -1.83
CA THR A 11 4.55 -7.30 -2.42
C THR A 11 3.49 -7.18 -3.51
N MET A 12 2.28 -6.80 -3.12
CA MET A 12 1.18 -6.67 -4.05
C MET A 12 0.35 -5.42 -3.74
N TYR A 13 -0.93 -5.48 -4.09
CA TYR A 13 -1.85 -4.36 -3.85
C TYR A 13 -2.83 -4.70 -2.74
N ASP A 14 -2.31 -4.84 -1.52
CA ASP A 14 -3.14 -5.17 -0.37
C ASP A 14 -3.82 -3.92 0.20
N CYS A 15 -3.82 -2.85 -0.59
CA CYS A 15 -4.43 -1.59 -0.16
C CYS A 15 -5.95 -1.69 -0.22
N CYS A 16 -6.62 -0.96 0.67
CA CYS A 16 -8.08 -0.96 0.72
C CYS A 16 -8.66 -0.32 -0.53
N LYS A 17 -8.13 0.83 -0.90
CA LYS A 17 -8.61 1.56 -2.08
C LYS A 17 -7.44 2.14 -2.88
N GLY A 18 -6.55 1.26 -3.35
CA GLY A 18 -5.41 1.70 -4.13
C GLY A 18 -4.35 0.63 -4.24
N ARG A 19 -3.09 1.05 -4.33
CA ARG A 19 -1.97 0.12 -4.45
C ARG A 19 -0.76 0.62 -3.69
N CYS A 20 0.11 -0.30 -3.30
CA CYS A 20 1.32 0.05 -2.55
C CYS A 20 2.22 0.97 -3.37
N GLY A 21 3.11 1.69 -2.68
CA GLY A 21 4.01 2.60 -3.35
C GLY A 21 5.43 2.06 -3.44
N ARG A 22 6.31 2.81 -4.08
CA ARG A 22 7.71 2.41 -4.23
C ARG A 22 8.45 2.54 -2.91
N ARG A 23 8.04 3.51 -2.10
CA ARG A 23 8.67 3.75 -0.81
C ARG A 23 8.02 2.88 0.27
N GLY A 24 7.19 1.94 -0.15
CA GLY A 24 6.53 1.06 0.79
C GLY A 24 5.29 1.70 1.38
N ARG A 25 4.93 2.88 0.89
CA ARG A 25 3.75 3.59 1.37
C ARG A 25 2.66 3.63 0.31
N CYS A 26 1.47 3.15 0.68
CA CYS A 26 0.34 3.12 -0.23
C CYS A 26 -0.12 4.52 -0.61
N CYS A 1 -8.08 -4.55 4.48
CA CYS A 1 -6.97 -4.07 3.62
C CYS A 1 -6.17 -2.97 4.31
N LYS A 2 -5.17 -2.46 3.60
CA LYS A 2 -4.32 -1.40 4.13
C LYS A 2 -5.01 -0.05 4.03
N GLY A 3 -4.24 1.03 4.13
CA GLY A 3 -4.81 2.35 4.06
C GLY A 3 -3.86 3.36 3.42
N LYS A 4 -4.43 4.45 2.91
CA LYS A 4 -3.63 5.49 2.27
C LYS A 4 -2.71 6.16 3.27
N GLY A 5 -1.46 6.36 2.87
CA GLY A 5 -0.49 6.99 3.76
C GLY A 5 0.13 6.00 4.72
N ALA A 6 -0.37 4.77 4.71
CA ALA A 6 0.13 3.73 5.58
C ALA A 6 1.14 2.84 4.85
N PRO A 7 2.34 2.64 5.43
CA PRO A 7 3.39 1.82 4.82
C PRO A 7 2.94 0.37 4.59
N CYS A 8 2.51 0.08 3.36
CA CYS A 8 2.08 -1.26 3.00
C CYS A 8 3.27 -2.14 2.68
N ARG A 9 3.01 -3.42 2.44
CA ARG A 9 4.08 -4.36 2.11
C ARG A 9 4.28 -4.44 0.61
N LYS A 10 5.54 -4.36 0.20
CA LYS A 10 5.88 -4.44 -1.22
C LYS A 10 5.73 -5.88 -1.72
N THR A 11 4.50 -6.34 -1.75
CA THR A 11 4.18 -7.69 -2.20
C THR A 11 3.10 -7.68 -3.26
N MET A 12 2.05 -6.91 -3.01
CA MET A 12 0.94 -6.81 -3.94
C MET A 12 0.13 -5.54 -3.68
N TYR A 13 -1.16 -5.58 -4.00
CA TYR A 13 -2.03 -4.43 -3.79
C TYR A 13 -3.02 -4.71 -2.66
N ASP A 14 -2.49 -4.78 -1.44
CA ASP A 14 -3.31 -5.06 -0.26
C ASP A 14 -4.02 -3.79 0.20
N CYS A 15 -3.69 -2.66 -0.42
CA CYS A 15 -4.30 -1.39 -0.06
C CYS A 15 -5.82 -1.43 -0.23
N CYS A 16 -6.53 -0.71 0.64
CA CYS A 16 -7.99 -0.66 0.58
C CYS A 16 -8.46 0.04 -0.68
N LYS A 17 -7.60 0.91 -1.21
CA LYS A 17 -7.92 1.66 -2.43
C LYS A 17 -6.66 2.04 -3.19
N GLY A 18 -6.10 1.06 -3.92
CA GLY A 18 -4.89 1.31 -4.68
C GLY A 18 -3.82 0.26 -4.43
N ARG A 19 -2.57 0.63 -4.63
CA ARG A 19 -1.45 -0.29 -4.43
C ARG A 19 -0.27 0.42 -3.78
N CYS A 20 0.76 -0.34 -3.44
CA CYS A 20 1.95 0.22 -2.82
C CYS A 20 2.67 1.17 -3.76
N GLY A 21 3.43 2.11 -3.20
CA GLY A 21 4.15 3.07 -4.00
C GLY A 21 5.62 2.72 -4.15
N ARG A 22 6.46 3.74 -4.23
CA ARG A 22 7.90 3.53 -4.38
C ARG A 22 8.57 3.35 -3.01
N ARG A 23 8.22 4.21 -2.06
CA ARG A 23 8.77 4.13 -0.72
C ARG A 23 8.07 3.05 0.10
N GLY A 24 6.97 2.52 -0.45
CA GLY A 24 6.23 1.48 0.24
C GLY A 24 4.98 2.02 0.91
N ARG A 25 4.39 3.07 0.33
CA ARG A 25 3.18 3.67 0.88
C ARG A 25 2.00 3.46 -0.07
N CYS A 26 0.84 3.16 0.50
CA CYS A 26 -0.36 2.94 -0.30
C CYS A 26 -0.73 4.21 -1.08
N CYS A 1 -7.62 -5.13 4.62
CA CYS A 1 -6.80 -4.38 3.63
C CYS A 1 -6.01 -3.26 4.30
N LYS A 2 -5.15 -2.60 3.53
CA LYS A 2 -4.33 -1.52 4.06
C LYS A 2 -5.07 -0.19 3.98
N GLY A 3 -4.33 0.90 4.17
CA GLY A 3 -4.94 2.22 4.13
C GLY A 3 -4.06 3.24 3.43
N LYS A 4 -4.68 4.29 2.89
CA LYS A 4 -3.94 5.34 2.19
C LYS A 4 -3.00 6.07 3.14
N GLY A 5 -1.76 6.26 2.70
CA GLY A 5 -0.78 6.95 3.51
C GLY A 5 -0.13 6.04 4.54
N ALA A 6 -0.59 4.79 4.58
CA ALA A 6 -0.05 3.81 5.52
C ALA A 6 1.03 2.96 4.85
N PRO A 7 2.14 2.70 5.55
CA PRO A 7 3.25 1.91 5.03
C PRO A 7 2.82 0.48 4.70
N CYS A 8 2.42 0.26 3.45
CA CYS A 8 1.98 -1.05 3.01
C CYS A 8 3.17 -1.94 2.69
N ARG A 9 2.89 -3.20 2.38
CA ARG A 9 3.95 -4.14 2.06
C ARG A 9 4.21 -4.17 0.56
N LYS A 10 5.49 -4.16 0.21
CA LYS A 10 5.89 -4.19 -1.20
C LYS A 10 5.71 -5.58 -1.79
N THR A 11 4.70 -6.30 -1.30
CA THR A 11 4.41 -7.65 -1.77
C THR A 11 3.42 -7.63 -2.93
N MET A 12 2.24 -7.07 -2.68
CA MET A 12 1.20 -7.00 -3.70
C MET A 12 0.38 -5.72 -3.56
N TYR A 13 -0.85 -5.75 -4.07
CA TYR A 13 -1.74 -4.60 -4.00
C TYR A 13 -2.77 -4.80 -2.89
N ASP A 14 -2.30 -4.81 -1.64
CA ASP A 14 -3.17 -4.99 -0.50
C ASP A 14 -3.88 -3.69 -0.12
N CYS A 15 -3.51 -2.61 -0.79
CA CYS A 15 -4.11 -1.30 -0.53
C CYS A 15 -5.61 -1.33 -0.77
N CYS A 16 -6.38 -1.02 0.27
CA CYS A 16 -7.84 -1.01 0.17
C CYS A 16 -8.32 0.09 -0.75
N LYS A 17 -7.46 1.09 -0.97
CA LYS A 17 -7.79 2.22 -1.83
C LYS A 17 -6.64 2.55 -2.77
N GLY A 18 -6.31 1.60 -3.65
CA GLY A 18 -5.22 1.81 -4.59
C GLY A 18 -4.23 0.67 -4.58
N ARG A 19 -2.94 1.01 -4.54
CA ARG A 19 -1.88 0.01 -4.53
C ARG A 19 -0.66 0.52 -3.78
N CYS A 20 0.22 -0.40 -3.38
CA CYS A 20 1.42 -0.03 -2.65
C CYS A 20 2.33 0.85 -3.50
N GLY A 21 2.92 1.88 -2.87
CA GLY A 21 3.80 2.78 -3.59
C GLY A 21 5.16 2.18 -3.83
N ARG A 22 6.00 2.90 -4.57
CA ARG A 22 7.35 2.43 -4.88
C ARG A 22 8.32 2.78 -3.75
N ARG A 23 7.80 3.37 -2.68
CA ARG A 23 8.62 3.75 -1.54
C ARG A 23 8.28 2.90 -0.33
N GLY A 24 7.06 2.37 -0.30
CA GLY A 24 6.64 1.55 0.82
C GLY A 24 5.31 2.00 1.39
N ARG A 25 4.89 3.20 1.03
CA ARG A 25 3.62 3.75 1.52
C ARG A 25 2.52 3.61 0.47
N CYS A 26 1.29 3.41 0.93
CA CYS A 26 0.16 3.26 0.03
C CYS A 26 -0.08 4.53 -0.78
N CYS A 1 -7.09 -5.08 4.96
CA CYS A 1 -6.41 -4.32 3.89
C CYS A 1 -5.62 -3.14 4.46
N LYS A 2 -4.78 -2.54 3.62
CA LYS A 2 -3.97 -1.40 4.05
C LYS A 2 -4.75 -0.09 3.94
N GLY A 3 -4.03 1.02 3.98
CA GLY A 3 -4.69 2.32 3.90
C GLY A 3 -3.78 3.38 3.33
N LYS A 4 -4.38 4.41 2.72
CA LYS A 4 -3.62 5.51 2.14
C LYS A 4 -2.76 6.19 3.19
N GLY A 5 -1.47 6.31 2.90
CA GLY A 5 -0.55 6.95 3.83
C GLY A 5 0.10 5.94 4.77
N ALA A 6 -0.49 4.76 4.86
CA ALA A 6 0.05 3.71 5.73
C ALA A 6 1.02 2.82 4.96
N PRO A 7 2.21 2.56 5.53
CA PRO A 7 3.23 1.73 4.89
C PRO A 7 2.73 0.32 4.58
N CYS A 8 2.43 0.06 3.32
CA CYS A 8 1.94 -1.25 2.90
C CYS A 8 3.10 -2.17 2.57
N ARG A 9 2.82 -3.45 2.41
CA ARG A 9 3.85 -4.43 2.09
C ARG A 9 4.10 -4.47 0.59
N LYS A 10 5.37 -4.45 0.21
CA LYS A 10 5.76 -4.49 -1.19
C LYS A 10 5.51 -5.86 -1.81
N THR A 11 4.61 -6.63 -1.20
CA THR A 11 4.27 -7.96 -1.69
C THR A 11 3.30 -7.88 -2.86
N MET A 12 2.25 -7.10 -2.70
CA MET A 12 1.24 -6.94 -3.74
C MET A 12 0.47 -5.64 -3.55
N TYR A 13 -0.76 -5.61 -4.06
CA TYR A 13 -1.61 -4.43 -3.95
C TYR A 13 -2.65 -4.62 -2.86
N ASP A 14 -2.20 -4.68 -1.61
CA ASP A 14 -3.09 -4.88 -0.48
C ASP A 14 -3.78 -3.58 -0.08
N CYS A 15 -3.36 -2.47 -0.70
CA CYS A 15 -3.96 -1.17 -0.42
C CYS A 15 -5.46 -1.18 -0.70
N CYS A 16 -6.25 -0.95 0.34
CA CYS A 16 -7.70 -0.94 0.20
C CYS A 16 -8.14 0.09 -0.83
N LYS A 17 -7.39 1.17 -0.94
CA LYS A 17 -7.69 2.22 -1.91
C LYS A 17 -6.52 2.46 -2.85
N GLY A 18 -6.31 1.54 -3.78
CA GLY A 18 -5.21 1.66 -4.73
C GLY A 18 -4.22 0.53 -4.60
N ARG A 19 -2.93 0.86 -4.72
CA ARG A 19 -1.87 -0.13 -4.63
C ARG A 19 -0.65 0.44 -3.93
N CYS A 20 0.22 -0.45 -3.43
CA CYS A 20 1.43 -0.02 -2.74
C CYS A 20 2.29 0.87 -3.62
N GLY A 21 2.91 1.87 -3.02
CA GLY A 21 3.76 2.79 -3.78
C GLY A 21 5.20 2.33 -3.85
N ARG A 22 6.07 3.23 -4.29
CA ARG A 22 7.49 2.93 -4.41
C ARG A 22 8.19 2.97 -3.06
N ARG A 23 7.82 3.96 -2.24
CA ARG A 23 8.41 4.10 -0.91
C ARG A 23 7.74 3.18 0.09
N GLY A 24 6.83 2.33 -0.41
CA GLY A 24 6.14 1.39 0.46
C GLY A 24 4.90 1.99 1.08
N ARG A 25 4.39 3.07 0.49
CA ARG A 25 3.20 3.74 1.00
C ARG A 25 2.07 3.67 -0.01
N CYS A 26 0.86 3.42 0.48
CA CYS A 26 -0.32 3.33 -0.38
C CYS A 26 -0.51 4.61 -1.19
N CYS A 1 -7.45 -4.87 4.40
CA CYS A 1 -6.71 -4.06 3.40
C CYS A 1 -5.91 -2.94 4.07
N LYS A 2 -5.00 -2.35 3.31
CA LYS A 2 -4.17 -1.27 3.82
C LYS A 2 -4.90 0.06 3.74
N GLY A 3 -4.15 1.15 3.96
CA GLY A 3 -4.75 2.48 3.89
C GLY A 3 -3.77 3.53 3.43
N LYS A 4 -4.29 4.61 2.86
CA LYS A 4 -3.45 5.70 2.37
C LYS A 4 -2.66 6.32 3.51
N GLY A 5 -1.39 6.63 3.23
CA GLY A 5 -0.53 7.22 4.23
C GLY A 5 0.07 6.19 5.16
N ALA A 6 -0.20 4.92 4.89
CA ALA A 6 0.31 3.83 5.71
C ALA A 6 1.28 2.96 4.92
N PRO A 7 2.42 2.58 5.53
CA PRO A 7 3.43 1.74 4.87
C PRO A 7 2.93 0.32 4.62
N CYS A 8 2.50 0.07 3.38
CA CYS A 8 2.00 -1.25 3.00
C CYS A 8 3.16 -2.19 2.71
N ARG A 9 2.84 -3.42 2.31
CA ARG A 9 3.85 -4.40 2.00
C ARG A 9 4.15 -4.43 0.51
N LYS A 10 5.43 -4.42 0.17
CA LYS A 10 5.85 -4.44 -1.22
C LYS A 10 5.62 -5.82 -1.85
N THR A 11 4.65 -6.54 -1.32
CA THR A 11 4.32 -7.87 -1.82
C THR A 11 3.34 -7.80 -2.99
N MET A 12 2.21 -7.15 -2.75
CA MET A 12 1.18 -7.01 -3.79
C MET A 12 0.36 -5.74 -3.57
N TYR A 13 -0.89 -5.77 -4.03
CA TYR A 13 -1.79 -4.63 -3.89
C TYR A 13 -2.81 -4.88 -2.78
N ASP A 14 -2.34 -4.91 -1.54
CA ASP A 14 -3.22 -5.16 -0.40
C ASP A 14 -3.98 -3.89 -0.01
N CYS A 15 -3.63 -2.78 -0.66
CA CYS A 15 -4.28 -1.50 -0.39
C CYS A 15 -5.79 -1.59 -0.61
N CYS A 16 -6.54 -0.85 0.19
CA CYS A 16 -8.00 -0.84 0.08
C CYS A 16 -8.46 0.17 -0.96
N LYS A 17 -7.59 1.13 -1.27
CA LYS A 17 -7.90 2.16 -2.25
C LYS A 17 -6.68 2.44 -3.14
N GLY A 18 -6.22 1.41 -3.83
CA GLY A 18 -5.07 1.56 -4.70
C GLY A 18 -4.09 0.41 -4.56
N ARG A 19 -2.80 0.73 -4.58
CA ARG A 19 -1.75 -0.28 -4.46
C ARG A 19 -0.54 0.28 -3.72
N CYS A 20 0.39 -0.61 -3.36
CA CYS A 20 1.59 -0.20 -2.66
C CYS A 20 2.48 0.67 -3.55
N GLY A 21 2.82 1.86 -3.05
CA GLY A 21 3.65 2.78 -3.80
C GLY A 21 5.10 2.33 -3.87
N ARG A 22 5.92 3.14 -4.52
CA ARG A 22 7.34 2.83 -4.66
C ARG A 22 8.10 3.18 -3.38
N ARG A 23 7.55 4.11 -2.61
CA ARG A 23 8.19 4.53 -1.36
C ARG A 23 7.87 3.55 -0.23
N GLY A 24 6.91 2.67 -0.47
CA GLY A 24 6.53 1.68 0.53
C GLY A 24 5.19 2.00 1.16
N ARG A 25 4.66 3.19 0.87
CA ARG A 25 3.38 3.62 1.42
C ARG A 25 2.27 3.49 0.37
N CYS A 26 1.05 3.29 0.83
CA CYS A 26 -0.10 3.14 -0.05
C CYS A 26 -0.29 4.39 -0.91
N CYS A 1 -7.28 -5.09 4.92
CA CYS A 1 -6.65 -4.25 3.87
C CYS A 1 -5.83 -3.12 4.49
N LYS A 2 -5.00 -2.47 3.67
CA LYS A 2 -4.17 -1.38 4.13
C LYS A 2 -4.92 -0.05 4.04
N GLY A 3 -4.23 1.04 4.37
CA GLY A 3 -4.83 2.35 4.32
C GLY A 3 -3.98 3.37 3.60
N LYS A 4 -4.62 4.42 3.08
CA LYS A 4 -3.91 5.48 2.36
C LYS A 4 -2.89 6.16 3.27
N GLY A 5 -1.67 6.31 2.76
CA GLY A 5 -0.62 6.95 3.54
C GLY A 5 0.07 5.99 4.49
N ALA A 6 -0.55 4.83 4.70
CA ALA A 6 0.00 3.82 5.59
C ALA A 6 1.03 2.96 4.87
N PRO A 7 2.22 2.78 5.47
CA PRO A 7 3.30 1.97 4.87
C PRO A 7 2.88 0.52 4.67
N CYS A 8 2.41 0.21 3.47
CA CYS A 8 1.99 -1.16 3.14
C CYS A 8 3.19 -2.01 2.75
N ARG A 9 2.92 -3.28 2.45
CA ARG A 9 3.99 -4.19 2.05
C ARG A 9 4.19 -4.15 0.55
N LYS A 10 5.44 -4.07 0.14
CA LYS A 10 5.79 -4.04 -1.29
C LYS A 10 5.66 -5.42 -1.91
N THR A 11 4.70 -6.19 -1.43
CA THR A 11 4.45 -7.53 -1.93
C THR A 11 3.45 -7.51 -3.08
N MET A 12 2.31 -6.88 -2.85
CA MET A 12 1.26 -6.80 -3.86
C MET A 12 0.42 -5.53 -3.67
N TYR A 13 -0.87 -5.63 -3.96
CA TYR A 13 -1.78 -4.50 -3.83
C TYR A 13 -2.79 -4.75 -2.71
N ASP A 14 -2.30 -4.79 -1.48
CA ASP A 14 -3.16 -5.01 -0.32
C ASP A 14 -3.88 -3.74 0.08
N CYS A 15 -3.52 -2.62 -0.54
CA CYS A 15 -4.14 -1.34 -0.25
C CYS A 15 -5.64 -1.38 -0.52
N CYS A 16 -6.42 -0.95 0.46
CA CYS A 16 -7.88 -0.94 0.33
C CYS A 16 -8.32 -0.06 -0.83
N LYS A 17 -7.59 1.04 -1.05
CA LYS A 17 -7.91 1.96 -2.13
C LYS A 17 -6.64 2.38 -2.88
N GLY A 18 -6.27 1.57 -3.88
CA GLY A 18 -5.09 1.88 -4.66
C GLY A 18 -4.05 0.77 -4.59
N ARG A 19 -2.79 1.12 -4.83
CA ARG A 19 -1.71 0.14 -4.79
C ARG A 19 -0.51 0.70 -4.00
N CYS A 20 0.42 -0.19 -3.67
CA CYS A 20 1.61 0.19 -2.91
C CYS A 20 2.59 0.98 -3.79
N GLY A 21 3.24 1.97 -3.19
CA GLY A 21 4.20 2.78 -3.93
C GLY A 21 5.61 2.21 -3.87
N ARG A 22 6.55 2.89 -4.51
CA ARG A 22 7.94 2.45 -4.52
C ARG A 22 8.55 2.55 -3.14
N ARG A 23 7.96 3.39 -2.29
CA ARG A 23 8.45 3.57 -0.93
C ARG A 23 7.67 2.71 0.05
N GLY A 24 6.80 1.86 -0.49
CA GLY A 24 5.99 0.98 0.34
C GLY A 24 4.86 1.72 1.03
N ARG A 25 4.27 2.68 0.33
CA ARG A 25 3.17 3.46 0.87
C ARG A 25 1.96 3.42 -0.06
N CYS A 26 0.78 3.17 0.52
CA CYS A 26 -0.45 3.10 -0.26
C CYS A 26 -0.75 4.44 -0.91
N CYS A 1 -7.44 -5.12 4.50
CA CYS A 1 -6.69 -4.31 3.51
C CYS A 1 -5.97 -3.14 4.20
N LYS A 2 -5.00 -2.56 3.51
CA LYS A 2 -4.23 -1.45 4.04
C LYS A 2 -4.99 -0.14 3.88
N GLY A 3 -4.28 0.97 4.00
CA GLY A 3 -4.90 2.28 3.87
C GLY A 3 -4.00 3.29 3.20
N LYS A 4 -4.60 4.31 2.59
CA LYS A 4 -3.83 5.35 1.92
C LYS A 4 -2.96 6.10 2.92
N GLY A 5 -1.66 6.20 2.61
CA GLY A 5 -0.74 6.89 3.49
C GLY A 5 -0.11 5.96 4.50
N ALA A 6 -0.62 4.73 4.56
CA ALA A 6 -0.10 3.73 5.49
C ALA A 6 0.99 2.90 4.83
N PRO A 7 2.16 2.76 5.49
CA PRO A 7 3.28 1.98 4.95
C PRO A 7 2.90 0.53 4.69
N CYS A 8 2.49 0.24 3.45
CA CYS A 8 2.11 -1.11 3.06
C CYS A 8 3.34 -1.95 2.74
N ARG A 9 3.13 -3.20 2.37
CA ARG A 9 4.23 -4.10 2.04
C ARG A 9 4.44 -4.15 0.53
N LYS A 10 5.69 -3.96 0.11
CA LYS A 10 6.03 -4.01 -1.30
C LYS A 10 5.94 -5.44 -1.80
N THR A 11 4.71 -5.90 -2.02
CA THR A 11 4.45 -7.25 -2.46
C THR A 11 3.34 -7.28 -3.51
N MET A 12 2.22 -6.67 -3.17
CA MET A 12 1.07 -6.63 -4.07
C MET A 12 0.22 -5.39 -3.80
N TYR A 13 -1.08 -5.50 -4.06
CA TYR A 13 -2.01 -4.40 -3.85
C TYR A 13 -2.94 -4.71 -2.69
N ASP A 14 -2.41 -4.67 -1.47
CA ASP A 14 -3.20 -4.94 -0.28
C ASP A 14 -4.00 -3.72 0.15
N CYS A 15 -3.56 -2.54 -0.27
CA CYS A 15 -4.23 -1.29 0.08
C CYS A 15 -5.70 -1.33 -0.36
N CYS A 16 -6.58 -0.91 0.54
CA CYS A 16 -8.01 -0.90 0.26
C CYS A 16 -8.38 0.27 -0.65
N LYS A 17 -7.40 1.13 -0.94
CA LYS A 17 -7.62 2.28 -1.81
C LYS A 17 -6.52 2.40 -2.85
N GLY A 18 -6.45 1.42 -3.75
CA GLY A 18 -5.43 1.44 -4.78
C GLY A 18 -4.43 0.31 -4.63
N ARG A 19 -3.16 0.68 -4.52
CA ARG A 19 -2.09 -0.31 -4.37
C ARG A 19 -0.93 0.28 -3.58
N CYS A 20 0.09 -0.54 -3.35
CA CYS A 20 1.28 -0.11 -2.61
C CYS A 20 2.14 0.81 -3.46
N GLY A 21 3.12 1.45 -2.83
CA GLY A 21 4.01 2.35 -3.55
C GLY A 21 5.42 1.82 -3.63
N ARG A 22 6.27 2.53 -4.37
CA ARG A 22 7.67 2.13 -4.52
C ARG A 22 8.51 2.60 -3.32
N ARG A 23 7.93 3.48 -2.52
CA ARG A 23 8.63 4.01 -1.35
C ARG A 23 8.28 3.19 -0.10
N GLY A 24 7.13 2.52 -0.14
CA GLY A 24 6.72 1.70 0.98
C GLY A 24 5.33 2.07 1.47
N ARG A 25 4.80 3.19 1.01
CA ARG A 25 3.48 3.64 1.41
C ARG A 25 2.46 3.45 0.28
N CYS A 26 1.20 3.27 0.65
CA CYS A 26 0.14 3.09 -0.33
C CYS A 26 -0.17 4.39 -1.07
N CYS A 1 -7.54 -4.89 4.96
CA CYS A 1 -6.83 -4.14 3.89
C CYS A 1 -6.00 -3.00 4.46
N LYS A 2 -5.13 -2.44 3.64
CA LYS A 2 -4.27 -1.34 4.06
C LYS A 2 -4.96 0.00 3.83
N GLY A 3 -4.19 1.07 3.90
CA GLY A 3 -4.74 2.41 3.69
C GLY A 3 -3.72 3.39 3.15
N LYS A 4 -4.20 4.48 2.57
CA LYS A 4 -3.32 5.50 2.01
C LYS A 4 -2.49 6.17 3.11
N GLY A 5 -1.24 6.47 2.79
CA GLY A 5 -0.36 7.11 3.77
C GLY A 5 0.28 6.11 4.71
N ALA A 6 -0.23 4.87 4.69
CA ALA A 6 0.29 3.82 5.55
C ALA A 6 1.31 2.96 4.80
N PRO A 7 2.36 2.50 5.49
CA PRO A 7 3.41 1.67 4.88
C PRO A 7 2.92 0.26 4.58
N CYS A 8 2.52 0.04 3.33
CA CYS A 8 2.04 -1.27 2.89
C CYS A 8 3.19 -2.20 2.57
N ARG A 9 2.87 -3.45 2.29
CA ARG A 9 3.89 -4.44 1.97
C ARG A 9 4.17 -4.45 0.47
N LYS A 10 5.44 -4.47 0.12
CA LYS A 10 5.86 -4.49 -1.28
C LYS A 10 5.52 -5.83 -1.94
N THR A 11 4.58 -6.56 -1.35
CA THR A 11 4.16 -7.85 -1.88
C THR A 11 3.19 -7.68 -3.04
N MET A 12 2.08 -6.99 -2.78
CA MET A 12 1.07 -6.76 -3.79
C MET A 12 0.27 -5.49 -3.50
N TYR A 13 -0.96 -5.44 -3.99
CA TYR A 13 -1.83 -4.30 -3.78
C TYR A 13 -2.85 -4.61 -2.70
N ASP A 14 -2.38 -4.69 -1.45
CA ASP A 14 -3.25 -4.99 -0.33
C ASP A 14 -4.01 -3.75 0.12
N CYS A 15 -3.73 -2.62 -0.51
CA CYS A 15 -4.41 -1.37 -0.18
C CYS A 15 -5.90 -1.47 -0.45
N CYS A 16 -6.71 -0.98 0.49
CA CYS A 16 -8.15 -1.02 0.36
C CYS A 16 -8.62 -0.14 -0.79
N LYS A 17 -7.73 0.74 -1.25
CA LYS A 17 -8.05 1.64 -2.36
C LYS A 17 -6.78 2.05 -3.10
N GLY A 18 -6.27 1.14 -3.93
CA GLY A 18 -5.06 1.41 -4.68
C GLY A 18 -4.00 0.34 -4.50
N ARG A 19 -2.74 0.73 -4.64
CA ARG A 19 -1.63 -0.19 -4.48
C ARG A 19 -0.45 0.48 -3.79
N CYS A 20 0.52 -0.32 -3.36
CA CYS A 20 1.70 0.20 -2.68
C CYS A 20 2.48 1.14 -3.60
N GLY A 21 3.37 1.94 -3.00
CA GLY A 21 4.16 2.87 -3.77
C GLY A 21 5.63 2.53 -3.79
N ARG A 22 6.44 3.42 -4.35
CA ARG A 22 7.88 3.22 -4.42
C ARG A 22 8.52 3.36 -3.05
N ARG A 23 7.87 4.13 -2.18
CA ARG A 23 8.38 4.35 -0.83
C ARG A 23 7.87 3.27 0.12
N GLY A 24 6.89 2.50 -0.34
CA GLY A 24 6.33 1.44 0.48
C GLY A 24 5.02 1.84 1.13
N ARG A 25 4.40 2.89 0.61
CA ARG A 25 3.14 3.37 1.15
C ARG A 25 2.05 3.37 0.07
N CYS A 26 0.81 3.11 0.48
CA CYS A 26 -0.32 3.07 -0.45
C CYS A 26 -0.51 4.44 -1.11
N CYS A 1 -7.29 -5.06 5.29
CA CYS A 1 -6.66 -4.31 4.17
C CYS A 1 -6.00 -3.03 4.67
N LYS A 2 -5.00 -2.55 3.92
CA LYS A 2 -4.29 -1.34 4.28
C LYS A 2 -5.01 -0.11 3.76
N GLY A 3 -4.30 1.01 3.68
CA GLY A 3 -4.90 2.24 3.19
C GLY A 3 -3.87 3.27 2.79
N LYS A 4 -4.33 4.37 2.20
CA LYS A 4 -3.44 5.44 1.76
C LYS A 4 -2.73 6.07 2.94
N GLY A 5 -1.50 6.52 2.72
CA GLY A 5 -0.74 7.15 3.78
C GLY A 5 -0.17 6.13 4.76
N ALA A 6 -0.57 4.87 4.59
CA ALA A 6 -0.10 3.79 5.46
C ALA A 6 1.01 3.00 4.79
N PRO A 7 1.99 2.52 5.58
CA PRO A 7 3.12 1.74 5.05
C PRO A 7 2.72 0.33 4.67
N CYS A 8 2.44 0.12 3.39
CA CYS A 8 2.05 -1.19 2.88
C CYS A 8 3.28 -2.02 2.55
N ARG A 9 3.08 -3.31 2.29
CA ARG A 9 4.17 -4.19 1.95
C ARG A 9 4.41 -4.20 0.45
N LYS A 10 5.66 -3.99 0.05
CA LYS A 10 6.02 -3.97 -1.36
C LYS A 10 5.97 -5.39 -1.92
N THR A 11 4.74 -5.85 -2.18
CA THR A 11 4.54 -7.20 -2.70
C THR A 11 3.36 -7.22 -3.67
N MET A 12 2.18 -6.96 -3.14
CA MET A 12 0.96 -6.96 -3.96
C MET A 12 0.19 -5.66 -3.78
N TYR A 13 -1.14 -5.75 -3.86
CA TYR A 13 -2.00 -4.59 -3.70
C TYR A 13 -2.99 -4.82 -2.57
N ASP A 14 -2.48 -4.90 -1.35
CA ASP A 14 -3.32 -5.13 -0.18
C ASP A 14 -3.99 -3.84 0.28
N CYS A 15 -3.67 -2.73 -0.38
CA CYS A 15 -4.25 -1.45 -0.04
C CYS A 15 -5.74 -1.43 -0.36
N CYS A 16 -6.55 -0.98 0.60
CA CYS A 16 -7.99 -0.91 0.41
C CYS A 16 -8.38 0.24 -0.51
N LYS A 17 -7.38 0.99 -0.96
CA LYS A 17 -7.61 2.13 -1.84
C LYS A 17 -6.38 2.41 -2.69
N GLY A 18 -6.29 1.73 -3.84
CA GLY A 18 -5.15 1.92 -4.72
C GLY A 18 -4.21 0.74 -4.71
N ARG A 19 -2.91 1.01 -4.70
CA ARG A 19 -1.91 -0.03 -4.68
C ARG A 19 -0.66 0.42 -3.93
N CYS A 20 0.14 -0.54 -3.48
CA CYS A 20 1.36 -0.23 -2.75
C CYS A 20 2.31 0.62 -3.59
N GLY A 21 3.07 1.49 -2.94
CA GLY A 21 4.00 2.34 -3.66
C GLY A 21 5.44 1.89 -3.51
N ARG A 22 6.32 2.47 -4.33
CA ARG A 22 7.74 2.13 -4.29
C ARG A 22 8.39 2.69 -3.04
N ARG A 23 7.73 3.65 -2.42
CA ARG A 23 8.24 4.28 -1.21
C ARG A 23 7.92 3.44 0.02
N GLY A 24 6.98 2.51 -0.13
CA GLY A 24 6.60 1.66 0.97
C GLY A 24 5.22 1.98 1.51
N ARG A 25 4.56 2.93 0.88
CA ARG A 25 3.21 3.34 1.31
C ARG A 25 2.23 3.30 0.14
N CYS A 26 0.95 3.09 0.46
CA CYS A 26 -0.09 3.02 -0.57
C CYS A 26 -0.20 4.36 -1.31
N CYS A 1 -7.58 -5.04 5.12
CA CYS A 1 -6.87 -4.32 4.04
C CYS A 1 -6.16 -3.08 4.57
N LYS A 2 -5.16 -2.62 3.83
CA LYS A 2 -4.38 -1.45 4.22
C LYS A 2 -5.09 -0.17 3.77
N GLY A 3 -4.35 0.94 3.80
CA GLY A 3 -4.94 2.21 3.39
C GLY A 3 -3.89 3.21 2.93
N LYS A 4 -4.32 4.19 2.14
CA LYS A 4 -3.42 5.21 1.63
C LYS A 4 -2.81 6.01 2.77
N GLY A 5 -1.51 6.27 2.68
CA GLY A 5 -0.83 7.03 3.71
C GLY A 5 -0.11 6.13 4.70
N ALA A 6 -0.52 4.87 4.76
CA ALA A 6 0.08 3.90 5.67
C ALA A 6 1.17 3.10 4.96
N PRO A 7 2.22 2.69 5.70
CA PRO A 7 3.33 1.92 5.13
C PRO A 7 2.91 0.52 4.71
N CYS A 8 2.50 0.37 3.46
CA CYS A 8 2.07 -0.93 2.93
C CYS A 8 3.27 -1.77 2.57
N ARG A 9 3.02 -3.03 2.20
CA ARG A 9 4.09 -3.94 1.82
C ARG A 9 4.23 -4.00 0.31
N LYS A 10 5.45 -3.80 -0.17
CA LYS A 10 5.73 -3.85 -1.60
C LYS A 10 5.71 -5.29 -2.10
N THR A 11 4.53 -5.89 -2.11
CA THR A 11 4.36 -7.25 -2.54
C THR A 11 3.21 -7.38 -3.54
N MET A 12 2.05 -6.87 -3.15
CA MET A 12 0.87 -6.95 -3.99
C MET A 12 -0.03 -5.73 -3.77
N TYR A 13 -1.32 -5.90 -4.02
CA TYR A 13 -2.29 -4.82 -3.84
C TYR A 13 -3.14 -5.08 -2.61
N ASP A 14 -2.51 -5.05 -1.44
CA ASP A 14 -3.19 -5.28 -0.18
C ASP A 14 -3.93 -4.03 0.28
N CYS A 15 -3.74 -2.94 -0.44
CA CYS A 15 -4.37 -1.67 -0.11
C CYS A 15 -5.87 -1.72 -0.43
N CYS A 16 -6.68 -1.16 0.47
CA CYS A 16 -8.13 -1.14 0.28
C CYS A 16 -8.53 -0.09 -0.75
N LYS A 17 -7.60 0.80 -1.08
CA LYS A 17 -7.85 1.86 -2.05
C LYS A 17 -6.57 2.23 -2.79
N GLY A 18 -6.35 1.59 -3.93
CA GLY A 18 -5.16 1.87 -4.72
C GLY A 18 -4.13 0.75 -4.63
N ARG A 19 -2.88 1.07 -4.94
CA ARG A 19 -1.81 0.09 -4.89
C ARG A 19 -0.64 0.61 -4.06
N CYS A 20 0.15 -0.31 -3.52
CA CYS A 20 1.30 0.04 -2.70
C CYS A 20 2.27 0.94 -3.47
N GLY A 21 3.17 1.58 -2.76
CA GLY A 21 4.13 2.48 -3.39
C GLY A 21 5.54 1.90 -3.37
N ARG A 22 6.36 2.37 -4.31
CA ARG A 22 7.75 1.91 -4.41
C ARG A 22 8.59 2.47 -3.27
N ARG A 23 8.01 3.41 -2.53
CA ARG A 23 8.70 4.03 -1.41
C ARG A 23 8.40 3.29 -0.11
N GLY A 24 7.23 2.66 -0.05
CA GLY A 24 6.85 1.92 1.13
C GLY A 24 5.45 2.26 1.61
N ARG A 25 4.92 3.38 1.13
CA ARG A 25 3.58 3.82 1.52
C ARG A 25 2.55 3.48 0.46
N CYS A 26 1.30 3.60 0.84
CA CYS A 26 0.19 3.31 -0.07
C CYS A 26 -0.23 4.56 -0.83
#